data_2IH3
#
_entry.id   2IH3
#
_cell.length_a   155.724
_cell.length_b   155.724
_cell.length_c   75.741
_cell.angle_alpha   90.000
_cell.angle_beta   90.000
_cell.angle_gamma   90.000
#
_symmetry.space_group_name_H-M   'I 4'
#
loop_
_entity.id
_entity.type
_entity.pdbx_description
1 polymer 'FAB Heavy Chain'
2 polymer 'FAB Light Chain'
3 polymer 'Voltage-gated potassium channel'
4 non-polymer 'POTASSIUM ION'
5 non-polymer '(1S)-2-HYDROXY-1-[(NONANOYLOXY)METHYL]ETHYL MYRISTATE'
6 water water
#
loop_
_entity_poly.entity_id
_entity_poly.type
_entity_poly.pdbx_seq_one_letter_code
_entity_poly.pdbx_strand_id
1 'polypeptide(L)'
;QVQLQQPGAELVKPGASVKLSCKASGYTFTSDWIHWVKQRPGHGLEWIGEIIPSYGRANYNEKIQKKATLTADKSSSTAF
MQLSSLTSEDSAVYYCARERGDGYFAVWGAGTTVTVSSAKTTPPSVYPLAPGSAAQTNSMVTLGCLVKGYFPEPVTVTWN
SGSLSSGVHTFPAVLQSDLYTLSSSVTVPSSSWPSETVTCNVAHPASSTKVDKKIVPRD
;
A
2 'polypeptide(L)'
;DILLTQSPAILSVSPGERVSFSCRASQSIGTDIHWYQQRTNGSPRLLIKYASESISGIPSRFSGSGSGTDFTLSINSVES
EDIANYYCQQSNRWPFTFGSGTKLEIKRADAAPTVSIFPPSSEQLTSGGASVVCFLNNFYPKDINVKWKIDGSERQNGVL
NSWTDQDSKDSTYSMSSTLTLTKDEYERHNSYTCEATHKTSTSPIVKSFNRN
;
B
3 'polypeptide(L)'
;MAPMLSGLLARLVKLLLGRHGSALHWRAAGAATVLLVIVLLAGSYLAVLAERGAPGAQLITYPRALWWACETATTV
(DAL)YGDLYPVTLWGRLVAVVVMVAGITSFGLVTAALATWFVGREQERR
;
C
#
loop_
_chem_comp.id
_chem_comp.type
_chem_comp.name
_chem_comp.formula
1EM non-polymer '(1S)-2-HYDROXY-1-[(NONANOYLOXY)METHYL]ETHYL MYRISTATE' 'C26 H50 O5'
K non-polymer 'POTASSIUM ION' 'K 1'
#
# COMPACT_ATOMS: atom_id res chain seq x y z
N GLN A 1 -11.52 13.90 2.29
CA GLN A 1 -10.74 14.02 1.04
C GLN A 1 -9.36 13.28 1.12
N VAL A 2 -8.80 12.83 -0.02
CA VAL A 2 -7.49 12.13 -0.04
C VAL A 2 -6.45 12.94 0.75
N GLN A 3 -5.86 12.36 1.80
CA GLN A 3 -4.89 13.15 2.57
C GLN A 3 -3.51 13.36 1.91
N LEU A 4 -3.05 12.35 1.16
CA LEU A 4 -1.75 12.44 0.52
C LEU A 4 -1.86 12.09 -0.96
N GLN A 5 -1.52 13.02 -1.84
CA GLN A 5 -1.69 12.83 -3.29
C GLN A 5 -0.40 12.62 -3.97
N GLN A 6 -0.22 11.46 -4.61
CA GLN A 6 1.01 11.22 -5.35
C GLN A 6 0.68 10.91 -6.83
N PRO A 7 1.56 11.27 -7.76
CA PRO A 7 1.39 11.01 -9.20
C PRO A 7 1.43 9.46 -9.38
N GLY A 8 0.70 8.94 -10.36
CA GLY A 8 0.69 7.49 -10.52
C GLY A 8 1.94 6.81 -11.01
N ALA A 9 2.77 7.49 -11.80
CA ALA A 9 3.92 6.84 -12.36
C ALA A 9 4.99 7.77 -12.85
N GLU A 10 6.19 7.23 -12.93
CA GLU A 10 7.33 7.98 -13.46
C GLU A 10 8.22 6.98 -14.17
N LEU A 11 8.56 7.26 -15.44
CA LEU A 11 9.46 6.39 -16.21
C LEU A 11 10.83 7.08 -16.15
N VAL A 12 11.88 6.33 -15.83
CA VAL A 12 13.22 6.89 -15.68
C VAL A 12 14.29 6.06 -16.41
N LYS A 13 15.13 6.72 -17.19
CA LYS A 13 16.18 5.95 -17.89
C LYS A 13 17.29 5.63 -16.92
N PRO A 14 17.94 4.47 -17.05
CA PRO A 14 19.02 4.11 -16.15
C PRO A 14 20.05 5.21 -16.09
N GLY A 15 20.35 5.64 -14.87
CA GLY A 15 21.33 6.67 -14.64
C GLY A 15 20.74 8.02 -14.43
N ALA A 16 19.49 8.23 -14.83
CA ALA A 16 18.85 9.53 -14.64
C ALA A 16 18.23 9.62 -13.26
N SER A 17 17.80 10.80 -12.88
CA SER A 17 17.18 10.99 -11.58
C SER A 17 15.73 11.47 -11.75
N VAL A 18 14.93 11.38 -10.69
CA VAL A 18 13.54 11.81 -10.75
C VAL A 18 13.14 12.33 -9.39
N LYS A 19 12.23 13.29 -9.36
CA LYS A 19 11.79 13.89 -8.12
C LYS A 19 10.31 13.58 -7.89
N LEU A 20 10.01 12.72 -6.91
CA LEU A 20 8.66 12.34 -6.61
C LEU A 20 8.01 13.35 -5.67
N SER A 21 6.70 13.51 -5.80
CA SER A 21 5.99 14.44 -4.96
C SER A 21 4.85 13.83 -4.14
N CYS A 22 4.52 14.49 -3.05
CA CYS A 22 3.47 14.00 -2.16
C CYS A 22 2.80 15.21 -1.57
N LYS A 23 1.63 15.57 -2.10
CA LYS A 23 0.90 16.76 -1.64
C LYS A 23 -0.04 16.38 -0.51
N ALA A 24 0.13 17.06 0.62
CA ALA A 24 -0.70 16.77 1.79
C ALA A 24 -1.85 17.70 2.04
N SER A 25 -2.96 17.18 2.53
CA SER A 25 -4.10 18.01 2.89
C SER A 25 -4.62 17.49 4.26
N GLY A 26 -5.72 18.04 4.75
CA GLY A 26 -6.23 17.62 6.04
C GLY A 26 -5.46 18.38 7.13
N TYR A 27 -5.64 17.98 8.39
CA TYR A 27 -4.91 18.64 9.48
C TYR A 27 -3.40 18.50 9.38
N THR A 28 -2.69 19.59 9.66
CA THR A 28 -1.24 19.60 9.62
C THR A 28 -0.73 20.17 10.96
N PHE A 29 0.25 19.49 11.54
CA PHE A 29 0.79 19.91 12.83
C PHE A 29 2.30 19.97 12.76
N THR A 30 2.89 20.71 13.72
CA THR A 30 4.33 20.87 13.72
C THR A 30 5.02 19.55 14.06
N SER A 31 4.28 18.66 14.68
CA SER A 31 4.83 17.38 15.00
C SER A 31 4.69 16.37 13.81
N ASP A 32 4.20 16.82 12.62
CA ASP A 32 4.08 15.79 11.57
C ASP A 32 5.34 15.42 10.91
N TRP A 33 5.47 14.12 10.61
CA TRP A 33 6.61 13.66 9.84
C TRP A 33 6.02 12.95 8.59
N ILE A 34 6.67 13.15 7.46
CA ILE A 34 6.30 12.44 6.22
C ILE A 34 7.40 11.42 5.95
N HIS A 35 6.98 10.17 5.77
CA HIS A 35 7.89 9.06 5.51
C HIS A 35 7.74 8.54 4.08
N TRP A 36 8.76 7.88 3.59
CA TRP A 36 8.70 7.28 2.25
C TRP A 36 9.03 5.85 2.41
N VAL A 37 8.28 4.99 1.71
CA VAL A 37 8.41 3.55 1.81
C VAL A 37 8.51 2.94 0.42
N LYS A 38 9.43 2.01 0.25
CA LYS A 38 9.63 1.39 -1.07
C LYS A 38 9.09 0.00 -1.09
N GLN A 39 8.38 -0.37 -2.17
CA GLN A 39 7.88 -1.72 -2.25
C GLN A 39 8.07 -2.29 -3.69
N ARG A 40 8.93 -3.27 -3.83
CA ARG A 40 9.16 -3.90 -5.13
C ARG A 40 8.04 -4.88 -5.36
N PRO A 41 7.69 -5.12 -6.65
CA PRO A 41 6.61 -6.05 -6.97
C PRO A 41 6.78 -7.39 -6.32
N GLY A 42 5.71 -7.87 -5.67
CA GLY A 42 5.76 -9.15 -5.00
C GLY A 42 6.56 -9.15 -3.70
N HIS A 43 7.09 -8.00 -3.27
CA HIS A 43 7.88 -7.98 -2.03
C HIS A 43 7.27 -7.12 -0.92
N GLY A 44 8.00 -7.00 0.19
CA GLY A 44 7.48 -6.27 1.35
C GLY A 44 7.70 -4.77 1.33
N LEU A 45 7.42 -4.15 2.48
CA LEU A 45 7.58 -2.71 2.67
C LEU A 45 8.97 -2.38 3.25
N GLU A 46 9.72 -1.51 2.60
CA GLU A 46 11.04 -1.10 3.03
C GLU A 46 11.06 0.41 3.37
N TRP A 47 11.45 0.75 4.58
CA TRP A 47 11.47 2.16 4.94
C TRP A 47 12.67 2.84 4.29
N ILE A 48 12.44 3.99 3.66
CA ILE A 48 13.53 4.75 3.00
C ILE A 48 14.03 5.88 3.86
N GLY A 49 13.10 6.66 4.41
CA GLY A 49 13.49 7.77 5.27
C GLY A 49 12.29 8.64 5.67
N GLU A 50 12.56 9.71 6.42
CA GLU A 50 11.52 10.60 6.86
C GLU A 50 12.01 12.04 6.87
N ILE A 51 11.06 12.96 6.83
CA ILE A 51 11.37 14.37 6.96
C ILE A 51 10.30 15.03 7.83
N ILE A 52 10.71 16.02 8.65
CA ILE A 52 9.73 16.77 9.46
C ILE A 52 9.66 18.15 8.77
N PRO A 53 8.52 18.41 8.10
CA PRO A 53 8.37 19.69 7.39
C PRO A 53 8.58 20.93 8.23
N SER A 54 8.07 20.92 9.45
CA SER A 54 8.15 22.10 10.29
C SER A 54 9.59 22.59 10.54
N TYR A 55 10.55 21.68 10.49
CA TYR A 55 11.95 22.02 10.69
C TYR A 55 12.83 21.72 9.45
N GLY A 56 12.37 20.85 8.55
CA GLY A 56 13.15 20.53 7.34
C GLY A 56 14.25 19.46 7.50
N ARG A 57 14.32 18.82 8.67
CA ARG A 57 15.34 17.80 8.84
C ARG A 57 14.88 16.44 8.33
N ALA A 58 15.79 15.68 7.75
CA ALA A 58 15.49 14.36 7.18
C ALA A 58 16.46 13.29 7.69
N ASN A 59 15.95 12.07 7.91
CA ASN A 59 16.81 10.94 8.33
C ASN A 59 16.57 9.84 7.32
N TYR A 60 17.54 8.94 7.17
CA TYR A 60 17.47 7.89 6.17
C TYR A 60 17.84 6.55 6.68
N ASN A 61 17.28 5.52 6.04
CA ASN A 61 17.60 4.11 6.42
C ASN A 61 19.13 3.89 6.21
N GLU A 62 19.88 3.53 7.26
CA GLU A 62 21.32 3.34 7.06
C GLU A 62 21.68 2.00 6.43
N LYS A 63 20.73 1.06 6.40
CA LYS A 63 21.00 -0.28 5.94
C LYS A 63 21.02 -0.40 4.43
N ILE A 64 20.47 0.60 3.75
CA ILE A 64 20.45 0.50 2.30
C ILE A 64 21.25 1.58 1.61
N GLN A 65 21.57 1.38 0.33
CA GLN A 65 22.32 2.38 -0.42
C GLN A 65 21.42 3.63 -0.53
N LYS A 66 21.96 4.79 -0.24
CA LYS A 66 21.19 6.02 -0.28
C LYS A 66 20.92 6.57 -1.68
N LYS A 67 19.68 6.41 -2.14
CA LYS A 67 19.29 6.89 -3.46
C LYS A 67 18.42 8.13 -3.34
N ALA A 68 17.94 8.37 -2.13
CA ALA A 68 17.00 9.45 -1.87
C ALA A 68 17.47 10.68 -1.14
N THR A 69 16.88 11.82 -1.48
CA THR A 69 17.12 13.09 -0.82
C THR A 69 15.73 13.70 -0.55
N LEU A 70 15.41 13.94 0.72
CA LEU A 70 14.08 14.49 1.03
C LEU A 70 14.05 15.97 1.31
N THR A 71 13.00 16.62 0.82
CA THR A 71 12.81 18.02 1.06
C THR A 71 11.31 18.23 1.22
N ALA A 72 10.94 19.42 1.68
CA ALA A 72 9.53 19.71 1.87
C ALA A 72 9.29 21.19 1.67
N ASP A 73 8.13 21.51 1.11
CA ASP A 73 7.75 22.91 0.84
C ASP A 73 6.60 23.21 1.77
N LYS A 74 6.79 24.12 2.71
CA LYS A 74 5.74 24.45 3.67
C LYS A 74 4.49 25.11 3.09
N SER A 75 4.69 26.09 2.21
CA SER A 75 3.58 26.83 1.61
C SER A 75 2.71 25.97 0.69
N SER A 76 3.33 25.03 -0.04
CA SER A 76 2.54 24.17 -0.92
C SER A 76 2.17 22.84 -0.27
N SER A 77 2.50 22.71 1.02
CA SER A 77 2.26 21.50 1.78
C SER A 77 2.65 20.25 0.99
N THR A 78 3.78 20.34 0.31
CA THR A 78 4.27 19.23 -0.48
C THR A 78 5.63 18.71 -0.01
N ALA A 79 5.73 17.38 0.08
CA ALA A 79 6.98 16.71 0.45
C ALA A 79 7.55 16.13 -0.85
N PHE A 80 8.87 16.18 -1.03
CA PHE A 80 9.52 15.64 -2.21
C PHE A 80 10.59 14.59 -1.95
N MET A 81 10.71 13.61 -2.84
CA MET A 81 11.78 12.65 -2.72
C MET A 81 12.56 12.59 -4.02
N GLN A 82 13.79 13.06 -4.00
CA GLN A 82 14.66 13.04 -5.17
C GLN A 82 15.42 11.73 -5.23
N LEU A 83 15.16 10.93 -6.25
CA LEU A 83 15.83 9.66 -6.42
C LEU A 83 16.85 9.92 -7.51
N SER A 84 18.10 9.51 -7.31
CA SER A 84 19.11 9.77 -8.38
C SER A 84 19.95 8.61 -8.84
N SER A 85 20.48 8.70 -10.06
CA SER A 85 21.31 7.64 -10.63
C SER A 85 20.69 6.26 -10.46
N LEU A 86 19.45 6.14 -10.90
CA LEU A 86 18.71 4.90 -10.73
C LEU A 86 19.09 3.73 -11.62
N THR A 87 18.77 2.53 -11.17
CA THR A 87 19.00 1.33 -11.94
C THR A 87 17.69 0.55 -11.78
N SER A 88 17.60 -0.62 -12.44
CA SER A 88 16.40 -1.45 -12.39
C SER A 88 16.08 -1.88 -10.96
N GLU A 89 17.10 -1.91 -10.11
CA GLU A 89 16.87 -2.27 -8.71
C GLU A 89 15.98 -1.22 -8.01
N ASP A 90 15.92 -0.02 -8.59
CA ASP A 90 15.11 1.06 -8.05
C ASP A 90 13.67 1.07 -8.56
N SER A 91 13.36 0.16 -9.50
CA SER A 91 12.00 0.07 -10.02
C SER A 91 11.12 -0.49 -8.88
N ALA A 92 10.05 0.22 -8.54
CA ALA A 92 9.14 -0.18 -7.44
C ALA A 92 8.06 0.86 -7.24
N VAL A 93 7.10 0.58 -6.36
CA VAL A 93 6.10 1.60 -6.00
C VAL A 93 6.70 2.31 -4.76
N TYR A 94 6.65 3.62 -4.72
CA TYR A 94 7.17 4.41 -3.59
C TYR A 94 5.99 5.12 -2.99
N TYR A 95 5.71 4.79 -1.72
CA TYR A 95 4.63 5.43 -1.04
C TYR A 95 5.10 6.53 -0.14
N CYS A 96 4.29 7.55 0.03
CA CYS A 96 4.57 8.51 1.09
C CYS A 96 3.52 8.23 2.17
N ALA A 97 3.85 8.51 3.44
CA ALA A 97 2.87 8.22 4.51
C ALA A 97 3.07 9.33 5.57
N ARG A 98 2.03 9.59 6.33
CA ARG A 98 2.09 10.66 7.35
C ARG A 98 1.98 10.04 8.72
N GLU A 99 2.90 10.51 9.60
CA GLU A 99 2.98 10.03 10.99
C GLU A 99 2.89 11.29 11.87
N ARG A 100 1.98 11.27 12.84
CA ARG A 100 1.77 12.44 13.68
C ARG A 100 2.77 12.51 14.83
N GLY A 101 3.97 11.94 14.64
CA GLY A 101 4.99 12.02 15.68
C GLY A 101 4.73 11.01 16.78
N ASP A 102 3.76 10.11 16.58
CA ASP A 102 3.44 9.10 17.58
C ASP A 102 3.73 7.65 17.15
N GLY A 103 4.50 7.52 16.08
CA GLY A 103 5.01 6.21 15.67
C GLY A 103 4.30 5.35 14.68
N TYR A 104 3.07 5.68 14.30
CA TYR A 104 2.34 4.82 13.32
C TYR A 104 1.95 5.68 12.13
N PHE A 105 1.74 5.02 11.03
CA PHE A 105 1.42 5.71 9.78
C PHE A 105 -0.10 5.69 9.61
N ALA A 106 -0.70 6.81 10.00
CA ALA A 106 -2.13 7.00 10.01
C ALA A 106 -2.70 6.94 8.59
N VAL A 107 -1.97 7.50 7.63
CA VAL A 107 -2.45 7.50 6.27
C VAL A 107 -1.31 7.38 5.28
N TRP A 108 -1.64 6.77 4.13
CA TRP A 108 -0.68 6.51 3.10
C TRP A 108 -1.14 7.09 1.78
N GLY A 109 -0.18 7.47 0.93
CA GLY A 109 -0.52 7.93 -0.41
C GLY A 109 -0.84 6.66 -1.24
N ALA A 110 -1.23 6.85 -2.52
CA ALA A 110 -1.58 5.73 -3.36
C ALA A 110 -0.36 5.11 -3.96
N GLY A 111 0.75 5.81 -3.83
CA GLY A 111 2.01 5.33 -4.35
C GLY A 111 2.30 5.72 -5.79
N THR A 112 3.58 5.90 -6.08
CA THR A 112 4.04 6.22 -7.44
C THR A 112 4.83 5.05 -7.93
N THR A 113 4.40 4.49 -9.08
CA THR A 113 5.09 3.37 -9.66
C THR A 113 6.23 3.93 -10.51
N VAL A 114 7.47 3.68 -10.10
CA VAL A 114 8.65 4.15 -10.82
C VAL A 114 9.26 2.99 -11.58
N THR A 115 9.38 3.15 -12.90
CA THR A 115 9.98 2.14 -13.74
C THR A 115 11.28 2.68 -14.31
N VAL A 116 12.37 1.98 -14.10
CA VAL A 116 13.68 2.38 -14.62
C VAL A 116 13.92 1.52 -15.87
N SER A 117 13.91 2.17 -17.03
CA SER A 117 14.05 1.44 -18.30
C SER A 117 14.41 2.42 -19.43
N SER A 118 15.04 1.88 -20.48
CA SER A 118 15.43 2.72 -21.62
C SER A 118 14.28 2.81 -22.61
N ALA A 119 13.34 1.88 -22.48
CA ALA A 119 12.17 1.82 -23.34
C ALA A 119 11.37 3.11 -23.35
N LYS A 120 10.53 3.30 -24.36
CA LYS A 120 9.75 4.53 -24.44
C LYS A 120 8.31 4.36 -24.01
N THR A 121 7.71 5.47 -23.55
CA THR A 121 6.32 5.48 -23.09
C THR A 121 5.43 5.12 -24.26
N THR A 122 4.33 4.42 -24.00
CA THR A 122 3.40 4.02 -25.06
C THR A 122 2.01 3.82 -24.46
N PRO A 123 1.03 4.62 -24.90
CA PRO A 123 -0.33 4.48 -24.38
C PRO A 123 -0.90 3.14 -24.86
N PRO A 124 -1.87 2.58 -24.14
CA PRO A 124 -2.46 1.30 -24.53
C PRO A 124 -3.53 1.40 -25.62
N SER A 125 -3.71 0.33 -26.39
CA SER A 125 -4.83 0.30 -27.37
C SER A 125 -5.89 -0.50 -26.61
N VAL A 126 -7.09 0.05 -26.50
CA VAL A 126 -8.18 -0.60 -25.78
C VAL A 126 -9.20 -1.20 -26.75
N TYR A 127 -9.37 -2.53 -26.71
CA TYR A 127 -10.32 -3.19 -27.59
C TYR A 127 -11.44 -3.83 -26.79
N PRO A 128 -12.64 -3.85 -27.36
CA PRO A 128 -13.82 -4.44 -26.70
C PRO A 128 -13.78 -5.96 -26.80
N LEU A 129 -14.39 -6.59 -25.79
CA LEU A 129 -14.55 -8.05 -25.69
C LEU A 129 -16.02 -8.32 -25.47
N ALA A 130 -16.71 -8.70 -26.56
CA ALA A 130 -18.15 -8.98 -26.56
C ALA A 130 -18.29 -10.42 -27.07
N PRO A 131 -19.27 -11.16 -26.58
CA PRO A 131 -19.47 -12.55 -26.98
C PRO A 131 -19.65 -12.71 -28.47
N GLY A 132 -19.34 -13.92 -28.96
CA GLY A 132 -19.56 -14.21 -30.36
C GLY A 132 -21.04 -14.49 -30.53
N SER A 133 -21.44 -14.61 -31.79
CA SER A 133 -22.83 -14.83 -32.11
C SER A 133 -23.39 -16.19 -31.66
N ALA A 134 -22.54 -17.20 -31.52
CA ALA A 134 -23.04 -18.51 -31.10
C ALA A 134 -23.01 -18.71 -29.58
N ALA A 135 -22.43 -17.77 -28.85
CA ALA A 135 -22.34 -17.88 -27.41
C ALA A 135 -23.72 -17.79 -26.74
N GLN A 136 -24.10 -18.84 -26.00
CA GLN A 136 -25.37 -18.84 -25.28
C GLN A 136 -25.18 -18.18 -23.92
N THR A 137 -26.13 -17.36 -23.50
CA THR A 137 -25.97 -16.68 -22.21
C THR A 137 -26.84 -17.30 -21.13
N ASN A 138 -26.42 -17.19 -19.88
CA ASN A 138 -27.20 -17.70 -18.74
C ASN A 138 -27.95 -16.51 -18.14
N SER A 139 -28.02 -16.43 -16.82
CA SER A 139 -28.68 -15.31 -16.20
C SER A 139 -27.67 -14.15 -16.15
N MET A 140 -26.40 -14.47 -16.36
CA MET A 140 -25.34 -13.47 -16.35
C MET A 140 -24.55 -13.47 -17.66
N VAL A 141 -24.00 -12.34 -18.02
CA VAL A 141 -23.19 -12.24 -19.23
C VAL A 141 -21.84 -11.64 -18.87
N THR A 142 -20.77 -12.18 -19.45
CA THR A 142 -19.44 -11.64 -19.22
C THR A 142 -18.89 -10.90 -20.39
N LEU A 143 -18.40 -9.69 -20.12
CA LEU A 143 -17.79 -8.82 -21.14
C LEU A 143 -16.41 -8.42 -20.66
N GLY A 144 -15.67 -7.72 -21.49
CA GLY A 144 -14.36 -7.30 -21.05
C GLY A 144 -13.69 -6.32 -21.97
N CYS A 145 -12.49 -5.92 -21.61
CA CYS A 145 -11.77 -5.06 -22.51
C CYS A 145 -10.28 -5.45 -22.45
N LEU A 146 -9.68 -5.48 -23.64
CA LEU A 146 -8.32 -5.86 -23.86
C LEU A 146 -7.49 -4.60 -23.90
N VAL A 147 -6.47 -4.53 -23.03
CA VAL A 147 -5.62 -3.32 -22.94
C VAL A 147 -4.24 -3.75 -23.37
N LYS A 148 -3.83 -3.45 -24.60
CA LYS A 148 -2.49 -3.93 -24.99
C LYS A 148 -1.54 -2.94 -25.59
N GLY A 149 -0.27 -3.32 -25.49
CA GLY A 149 0.80 -2.51 -26.03
C GLY A 149 1.10 -1.24 -25.28
N TYR A 150 1.24 -1.33 -23.95
CA TYR A 150 1.52 -0.11 -23.22
C TYR A 150 2.77 -0.27 -22.39
N PHE A 151 3.34 0.87 -22.06
CA PHE A 151 4.56 0.93 -21.25
C PHE A 151 4.74 2.33 -20.73
N PRO A 152 5.13 2.48 -19.44
CA PRO A 152 5.39 1.42 -18.48
C PRO A 152 4.10 1.15 -17.70
N GLU A 153 4.19 0.31 -16.68
CA GLU A 153 3.02 0.08 -15.81
C GLU A 153 2.81 1.39 -15.03
N PRO A 154 1.61 1.60 -14.45
CA PRO A 154 0.47 0.70 -14.48
C PRO A 154 -0.64 1.34 -15.35
N VAL A 155 -1.75 0.66 -15.45
CA VAL A 155 -2.95 1.25 -16.03
C VAL A 155 -3.96 0.97 -14.95
N THR A 156 -5.01 1.79 -14.89
CA THR A 156 -6.11 1.57 -13.96
C THR A 156 -7.36 1.41 -14.84
N VAL A 157 -8.10 0.34 -14.64
CA VAL A 157 -9.30 0.08 -15.41
C VAL A 157 -10.50 0.16 -14.51
N THR A 158 -11.52 0.92 -14.94
CA THR A 158 -12.75 0.96 -14.19
C THR A 158 -13.90 0.65 -15.18
N TRP A 159 -15.06 0.35 -14.66
CA TRP A 159 -16.23 0.09 -15.46
C TRP A 159 -17.32 1.09 -15.10
N ASN A 160 -17.87 1.70 -16.15
CA ASN A 160 -18.92 2.71 -15.99
C ASN A 160 -18.50 3.79 -15.02
N SER A 161 -17.29 4.30 -15.29
CA SER A 161 -16.68 5.37 -14.49
C SER A 161 -16.58 5.10 -13.02
N GLY A 162 -16.47 3.81 -12.68
CA GLY A 162 -16.36 3.41 -11.29
C GLY A 162 -17.64 2.94 -10.62
N SER A 163 -18.79 3.27 -11.21
CA SER A 163 -20.07 2.88 -10.62
C SER A 163 -20.35 1.39 -10.62
N LEU A 164 -19.66 0.67 -11.50
CA LEU A 164 -19.82 -0.78 -11.61
C LEU A 164 -18.51 -1.42 -11.09
N SER A 165 -18.57 -2.00 -9.89
CA SER A 165 -17.40 -2.59 -9.22
C SER A 165 -17.52 -4.08 -9.00
N SER A 166 -18.63 -4.51 -8.47
CA SER A 166 -18.81 -5.93 -8.22
C SER A 166 -18.77 -6.65 -9.58
N GLY A 167 -18.29 -7.90 -9.57
CA GLY A 167 -18.21 -8.67 -10.79
C GLY A 167 -17.08 -8.25 -11.71
N VAL A 168 -16.08 -7.52 -11.21
CA VAL A 168 -14.97 -7.11 -12.04
C VAL A 168 -13.65 -7.84 -11.68
N HIS A 169 -12.90 -8.27 -12.68
CA HIS A 169 -11.57 -8.94 -12.51
C HIS A 169 -10.61 -8.27 -13.46
N THR A 170 -9.56 -7.61 -13.00
CA THR A 170 -8.59 -7.04 -13.92
C THR A 170 -7.34 -7.91 -13.73
N PHE A 171 -6.88 -8.54 -14.80
CA PHE A 171 -5.75 -9.45 -14.67
C PHE A 171 -4.41 -8.77 -14.64
N PRO A 172 -3.42 -9.41 -13.97
CA PRO A 172 -2.07 -8.82 -13.93
C PRO A 172 -1.55 -8.73 -15.36
N ALA A 173 -0.78 -7.69 -15.65
CA ALA A 173 -0.21 -7.51 -16.99
C ALA A 173 0.89 -8.52 -17.29
N VAL A 174 1.10 -8.83 -18.56
CA VAL A 174 2.16 -9.71 -19.03
C VAL A 174 3.07 -8.87 -19.88
N LEU A 175 4.37 -9.07 -19.71
CA LEU A 175 5.35 -8.27 -20.43
C LEU A 175 5.99 -9.05 -21.57
N GLN A 176 5.80 -8.56 -22.76
CA GLN A 176 6.37 -9.20 -23.94
C GLN A 176 6.83 -8.12 -24.90
N SER A 177 8.14 -8.10 -25.13
CA SER A 177 8.73 -7.14 -26.05
C SER A 177 8.52 -5.69 -25.61
N ASP A 178 9.12 -5.30 -24.49
CA ASP A 178 8.99 -3.94 -23.96
C ASP A 178 7.56 -3.38 -23.96
N LEU A 179 6.57 -4.26 -23.95
CA LEU A 179 5.20 -3.78 -23.93
C LEU A 179 4.31 -4.66 -23.05
N TYR A 180 3.38 -4.03 -22.32
CA TYR A 180 2.49 -4.79 -21.45
C TYR A 180 1.11 -4.98 -22.05
N THR A 181 0.41 -6.02 -21.60
CA THR A 181 -0.93 -6.27 -22.05
C THR A 181 -1.71 -6.90 -20.92
N LEU A 182 -2.98 -6.53 -20.77
CA LEU A 182 -3.84 -7.19 -19.79
C LEU A 182 -5.25 -7.06 -20.27
N SER A 183 -6.18 -7.75 -19.61
CA SER A 183 -7.59 -7.60 -19.94
C SER A 183 -8.30 -7.49 -18.61
N SER A 184 -9.51 -6.92 -18.66
CA SER A 184 -10.33 -6.78 -17.48
C SER A 184 -11.64 -7.42 -17.83
N SER A 185 -12.26 -8.06 -16.84
CA SER A 185 -13.49 -8.73 -17.03
C SER A 185 -14.62 -8.16 -16.15
N VAL A 186 -15.84 -8.07 -16.70
CA VAL A 186 -16.98 -7.63 -15.91
C VAL A 186 -18.16 -8.54 -16.22
N THR A 187 -18.93 -8.88 -15.20
CA THR A 187 -20.09 -9.73 -15.34
C THR A 187 -21.35 -9.02 -14.80
N VAL A 188 -22.37 -8.89 -15.66
CA VAL A 188 -23.63 -8.25 -15.30
C VAL A 188 -24.82 -9.16 -15.67
N PRO A 189 -26.01 -8.89 -15.08
CA PRO A 189 -27.14 -9.77 -15.45
C PRO A 189 -27.36 -9.65 -16.96
N SER A 190 -27.58 -10.78 -17.61
CA SER A 190 -27.75 -10.82 -19.07
C SER A 190 -28.89 -9.91 -19.54
N SER A 191 -29.92 -9.78 -18.71
CA SER A 191 -31.04 -8.92 -19.04
C SER A 191 -30.69 -7.45 -19.09
N SER A 192 -29.65 -7.02 -18.39
CA SER A 192 -29.29 -5.58 -18.38
C SER A 192 -28.39 -5.09 -19.51
N TRP A 193 -27.84 -5.98 -20.32
CA TRP A 193 -26.97 -5.53 -21.41
C TRP A 193 -27.53 -6.11 -22.71
N PRO A 194 -27.53 -5.33 -23.80
CA PRO A 194 -27.05 -3.94 -23.91
C PRO A 194 -28.02 -2.84 -23.52
N SER A 195 -29.14 -3.15 -22.89
CA SER A 195 -30.09 -2.08 -22.53
C SER A 195 -29.46 -1.03 -21.64
N GLU A 196 -28.66 -1.46 -20.68
CA GLU A 196 -27.97 -0.54 -19.78
C GLU A 196 -26.54 -0.64 -20.31
N THR A 197 -25.93 0.51 -20.59
CA THR A 197 -24.61 0.55 -21.17
C THR A 197 -23.49 0.07 -20.21
N VAL A 198 -22.45 -0.50 -20.82
CA VAL A 198 -21.24 -0.99 -20.09
C VAL A 198 -20.05 -0.46 -20.87
N THR A 199 -19.23 0.37 -20.22
CA THR A 199 -18.05 0.96 -20.83
C THR A 199 -16.86 0.77 -19.88
N CYS A 200 -15.71 0.46 -20.43
CA CYS A 200 -14.54 0.32 -19.57
C CYS A 200 -13.74 1.63 -19.77
N ASN A 201 -13.17 2.13 -18.67
CA ASN A 201 -12.36 3.36 -18.67
C ASN A 201 -10.93 2.94 -18.31
N VAL A 202 -9.99 3.27 -19.17
CA VAL A 202 -8.61 2.92 -18.99
C VAL A 202 -7.70 4.11 -18.86
N ALA A 203 -7.12 4.25 -17.68
CA ALA A 203 -6.20 5.34 -17.40
C ALA A 203 -4.75 4.87 -17.44
N HIS A 204 -3.88 5.60 -18.13
CA HIS A 204 -2.47 5.24 -18.20
C HIS A 204 -1.67 6.48 -17.76
N PRO A 205 -1.47 6.63 -16.44
CA PRO A 205 -0.74 7.77 -15.89
C PRO A 205 0.52 8.18 -16.62
N ALA A 206 1.37 7.21 -16.98
CA ALA A 206 2.65 7.56 -17.62
C ALA A 206 2.55 8.34 -18.92
N SER A 207 1.42 8.21 -19.61
CA SER A 207 1.24 8.92 -20.87
C SER A 207 0.14 9.95 -20.73
N SER A 208 -0.34 10.14 -19.50
CA SER A 208 -1.39 11.12 -19.23
C SER A 208 -2.59 10.89 -20.13
N THR A 209 -2.95 9.64 -20.35
CA THR A 209 -4.10 9.34 -21.19
C THR A 209 -5.17 8.54 -20.43
N LYS A 210 -6.42 8.75 -20.79
CA LYS A 210 -7.55 8.05 -20.19
C LYS A 210 -8.58 7.87 -21.29
N VAL A 211 -8.78 6.64 -21.75
CA VAL A 211 -9.74 6.40 -22.82
C VAL A 211 -10.93 5.53 -22.42
N ASP A 212 -12.03 5.65 -23.17
CA ASP A 212 -13.21 4.86 -22.86
C ASP A 212 -13.54 3.97 -24.03
N LYS A 213 -14.07 2.78 -23.74
CA LYS A 213 -14.46 1.87 -24.81
C LYS A 213 -15.80 1.28 -24.42
N LYS A 214 -16.85 1.68 -25.14
CA LYS A 214 -18.17 1.16 -24.87
C LYS A 214 -18.21 -0.26 -25.43
N ILE A 215 -18.86 -1.17 -24.71
CA ILE A 215 -18.95 -2.56 -25.16
C ILE A 215 -20.35 -2.81 -25.74
N VAL A 216 -20.39 -2.98 -27.06
CA VAL A 216 -21.67 -3.23 -27.72
C VAL A 216 -21.70 -4.60 -28.35
N PRO A 217 -22.90 -5.17 -28.49
CA PRO A 217 -22.92 -6.50 -29.09
C PRO A 217 -22.34 -6.52 -30.49
N ARG A 218 -21.79 -7.66 -30.89
CA ARG A 218 -21.20 -7.77 -32.22
C ARG A 218 -22.31 -7.71 -33.27
N ASP A 219 -22.13 -6.84 -34.27
CA ASP A 219 -23.10 -6.64 -35.35
C ASP A 219 -23.68 -7.93 -35.97
N ASP B 1 19.34 -2.50 14.75
CA ASP B 1 17.92 -2.18 14.35
C ASP B 1 17.03 -3.36 14.66
N ILE B 2 15.78 -3.08 14.96
CA ILE B 2 14.85 -4.13 15.37
C ILE B 2 14.32 -4.99 14.25
N LEU B 3 14.55 -6.27 14.36
CA LEU B 3 14.06 -7.19 13.38
C LEU B 3 12.69 -7.72 13.76
N LEU B 4 11.70 -7.64 12.85
CA LEU B 4 10.35 -8.14 13.15
C LEU B 4 10.12 -9.36 12.27
N THR B 5 9.91 -10.50 12.91
CA THR B 5 9.71 -11.74 12.16
C THR B 5 8.25 -12.12 12.11
N GLN B 6 7.69 -12.25 10.91
CA GLN B 6 6.31 -12.65 10.81
C GLN B 6 6.31 -14.06 10.25
N SER B 7 5.88 -15.02 11.00
CA SER B 7 5.93 -16.42 10.45
C SER B 7 4.76 -17.11 11.08
N PRO B 8 4.01 -17.94 10.32
CA PRO B 8 4.26 -18.23 8.90
C PRO B 8 3.96 -17.08 7.95
N ALA B 9 4.56 -17.14 6.76
CA ALA B 9 4.37 -16.14 5.74
C ALA B 9 3.01 -16.25 5.06
N ILE B 10 2.35 -17.42 5.17
CA ILE B 10 1.04 -17.66 4.55
C ILE B 10 0.16 -18.39 5.53
N LEU B 11 -1.02 -17.85 5.78
CA LEU B 11 -1.96 -18.49 6.69
C LEU B 11 -3.24 -18.80 5.92
N SER B 12 -3.68 -20.07 5.95
CA SER B 12 -4.91 -20.54 5.27
C SER B 12 -5.96 -20.97 6.29
N VAL B 13 -7.12 -20.33 6.25
CA VAL B 13 -8.15 -20.64 7.21
C VAL B 13 -9.46 -20.88 6.49
N SER B 14 -10.45 -21.44 7.19
CA SER B 14 -11.75 -21.68 6.59
C SER B 14 -12.65 -20.48 6.92
N PRO B 15 -13.62 -20.17 6.05
CA PRO B 15 -14.52 -19.03 6.29
C PRO B 15 -15.19 -19.01 7.66
N GLY B 16 -15.15 -17.85 8.33
CA GLY B 16 -15.78 -17.71 9.63
C GLY B 16 -14.93 -18.14 10.82
N GLU B 17 -13.78 -18.73 10.53
CA GLU B 17 -12.90 -19.19 11.60
C GLU B 17 -12.07 -18.01 12.16
N ARG B 18 -11.52 -18.17 13.37
CA ARG B 18 -10.69 -17.14 14.03
C ARG B 18 -9.27 -17.39 13.64
N VAL B 19 -8.58 -16.34 13.20
CA VAL B 19 -7.22 -16.54 12.76
C VAL B 19 -6.35 -15.54 13.50
N SER B 20 -5.10 -15.90 13.66
CA SER B 20 -4.11 -15.08 14.37
C SER B 20 -2.79 -15.00 13.62
N PHE B 21 -2.26 -13.79 13.46
CA PHE B 21 -1.00 -13.53 12.76
C PHE B 21 0.00 -13.25 13.86
N SER B 22 1.22 -13.73 13.68
CA SER B 22 2.28 -13.55 14.66
C SER B 22 3.34 -12.56 14.22
N CYS B 23 3.84 -11.73 15.16
CA CYS B 23 4.96 -10.81 14.87
C CYS B 23 5.86 -10.90 16.11
N ARG B 24 7.08 -11.29 15.90
CA ARG B 24 8.09 -11.42 16.97
C ARG B 24 9.20 -10.42 16.76
N ALA B 25 9.50 -9.61 17.80
CA ALA B 25 10.55 -8.61 17.72
C ALA B 25 11.88 -9.18 18.27
N SER B 26 13.00 -8.71 17.74
CA SER B 26 14.34 -9.23 18.09
C SER B 26 14.74 -8.77 19.48
N GLN B 27 14.01 -7.81 20.02
CA GLN B 27 14.27 -7.37 21.39
C GLN B 27 12.95 -6.79 21.90
N SER B 28 12.85 -6.60 23.19
CA SER B 28 11.60 -6.11 23.79
C SER B 28 11.27 -4.65 23.36
N ILE B 29 10.06 -4.46 22.85
CA ILE B 29 9.65 -3.13 22.40
C ILE B 29 8.36 -2.62 23.05
N GLY B 30 8.06 -3.13 24.24
CA GLY B 30 6.85 -2.64 24.93
C GLY B 30 5.59 -2.97 24.11
N THR B 31 4.78 -1.95 23.83
CA THR B 31 3.60 -2.25 23.02
C THR B 31 3.64 -1.42 21.77
N ASP B 32 4.85 -1.05 21.35
CA ASP B 32 5.02 -0.17 20.23
C ASP B 32 5.01 -0.85 18.87
N ILE B 33 3.96 -1.64 18.68
CA ILE B 33 3.78 -2.34 17.42
C ILE B 33 2.44 -1.85 16.76
N HIS B 34 2.42 -1.74 15.43
CA HIS B 34 1.20 -1.28 14.74
C HIS B 34 1.02 -2.28 13.57
N TRP B 35 -0.23 -2.50 13.16
CA TRP B 35 -0.49 -3.49 12.11
C TRP B 35 -1.17 -2.85 10.92
N TYR B 36 -0.81 -3.30 9.71
CA TYR B 36 -1.40 -2.75 8.46
C TYR B 36 -1.90 -3.89 7.62
N GLN B 37 -2.97 -3.58 6.88
CA GLN B 37 -3.53 -4.54 5.92
C GLN B 37 -3.22 -3.94 4.53
N GLN B 38 -2.75 -4.78 3.60
CA GLN B 38 -2.55 -4.30 2.25
C GLN B 38 -3.21 -5.28 1.27
N ARG B 39 -4.36 -4.89 0.70
CA ARG B 39 -4.98 -5.72 -0.32
C ARG B 39 -4.25 -5.61 -1.65
N THR B 40 -4.48 -6.61 -2.51
CA THR B 40 -3.84 -6.61 -3.83
C THR B 40 -4.01 -5.26 -4.50
N ASN B 41 -2.92 -4.72 -5.02
CA ASN B 41 -2.89 -3.41 -5.70
C ASN B 41 -3.41 -2.23 -4.87
N GLY B 42 -3.46 -2.41 -3.55
CA GLY B 42 -3.94 -1.33 -2.69
C GLY B 42 -2.82 -0.73 -1.84
N SER B 43 -3.07 0.38 -1.17
CA SER B 43 -2.00 0.86 -0.32
C SER B 43 -2.24 0.34 1.10
N PRO B 44 -1.18 0.31 1.93
CA PRO B 44 -1.41 -0.18 3.30
C PRO B 44 -2.40 0.64 4.11
N ARG B 45 -3.10 -0.04 5.00
CA ARG B 45 -4.10 0.60 5.81
C ARG B 45 -3.90 0.23 7.26
N LEU B 46 -3.84 1.24 8.14
CA LEU B 46 -3.62 0.92 9.55
C LEU B 46 -4.86 0.25 10.17
N LEU B 47 -4.66 -0.83 10.88
CA LEU B 47 -5.73 -1.62 11.53
C LEU B 47 -5.78 -1.51 13.02
N ILE B 48 -4.59 -1.55 13.62
CA ILE B 48 -4.44 -1.59 15.10
C ILE B 48 -3.16 -0.80 15.44
N LYS B 49 -3.22 0.06 16.44
CA LYS B 49 -2.01 0.81 16.83
C LYS B 49 -1.64 0.44 18.28
N TYR B 50 -0.35 0.59 18.60
CA TYR B 50 0.13 0.27 19.95
C TYR B 50 -0.40 -1.07 20.44
N ALA B 51 -0.20 -2.11 19.64
CA ALA B 51 -0.52 -3.51 19.92
C ALA B 51 -1.95 -3.94 20.05
N SER B 52 -2.80 -3.09 20.63
CA SER B 52 -4.20 -3.48 20.84
C SER B 52 -5.24 -2.37 20.64
N GLU B 53 -4.81 -1.17 20.28
CA GLU B 53 -5.75 -0.08 20.17
C GLU B 53 -6.49 -0.04 18.86
N SER B 54 -7.81 0.15 18.99
CA SER B 54 -8.70 0.22 17.81
C SER B 54 -8.54 1.50 17.02
N ILE B 55 -8.87 1.41 15.75
CA ILE B 55 -8.79 2.49 14.84
C ILE B 55 -10.24 2.67 14.35
N SER B 56 -10.73 3.90 14.34
CA SER B 56 -12.12 4.09 13.88
C SER B 56 -12.24 3.73 12.40
N GLY B 57 -13.36 3.11 12.03
CA GLY B 57 -13.52 2.72 10.65
C GLY B 57 -13.14 1.28 10.41
N ILE B 58 -12.39 0.68 11.35
CA ILE B 58 -11.98 -0.71 11.18
C ILE B 58 -12.98 -1.65 11.83
N PRO B 59 -13.38 -2.71 11.11
CA PRO B 59 -14.36 -3.64 11.70
C PRO B 59 -13.91 -4.16 13.06
N SER B 60 -14.88 -4.31 13.96
CA SER B 60 -14.67 -4.78 15.33
C SER B 60 -14.08 -6.16 15.35
N ARG B 61 -14.14 -6.79 14.19
CA ARG B 61 -13.60 -8.13 13.98
C ARG B 61 -12.08 -8.25 14.28
N PHE B 62 -11.37 -7.16 14.03
CA PHE B 62 -9.93 -7.14 14.23
C PHE B 62 -9.56 -6.77 15.66
N SER B 63 -8.54 -7.41 16.21
CA SER B 63 -8.03 -7.01 17.54
C SER B 63 -6.56 -7.39 17.61
N GLY B 64 -5.85 -6.81 18.58
CA GLY B 64 -4.43 -7.12 18.71
C GLY B 64 -4.10 -7.37 20.17
N SER B 65 -3.03 -8.10 20.39
CA SER B 65 -2.55 -8.39 21.75
C SER B 65 -1.08 -8.62 21.79
N GLY B 66 -0.56 -8.66 23.04
CA GLY B 66 0.86 -8.92 23.27
C GLY B 66 1.66 -7.70 23.76
N SER B 67 2.87 -7.94 24.23
CA SER B 67 3.75 -6.86 24.67
C SER B 67 5.10 -7.57 24.76
N GLY B 68 6.17 -6.78 24.75
CA GLY B 68 7.53 -7.33 24.86
C GLY B 68 8.08 -7.69 23.50
N THR B 69 8.15 -8.99 23.19
CA THR B 69 8.69 -9.43 21.92
C THR B 69 7.66 -10.17 21.07
N ASP B 70 6.56 -10.60 21.64
CA ASP B 70 5.57 -11.38 20.87
C ASP B 70 4.21 -10.73 20.77
N PHE B 71 3.79 -10.53 19.53
CA PHE B 71 2.54 -9.84 19.23
C PHE B 71 1.65 -10.64 18.28
N THR B 72 0.35 -10.45 18.45
CA THR B 72 -0.60 -11.16 17.65
C THR B 72 -1.68 -10.23 17.14
N LEU B 73 -2.03 -10.43 15.87
CA LEU B 73 -3.17 -9.72 15.26
C LEU B 73 -4.21 -10.82 15.06
N SER B 74 -5.43 -10.63 15.56
CA SER B 74 -6.44 -11.66 15.42
C SER B 74 -7.61 -11.15 14.63
N ILE B 75 -8.24 -12.07 13.88
CA ILE B 75 -9.46 -11.72 13.14
C ILE B 75 -10.51 -12.76 13.60
N ASN B 76 -11.60 -12.29 14.18
CA ASN B 76 -12.66 -13.21 14.62
C ASN B 76 -13.57 -13.40 13.40
N SER B 77 -13.78 -14.65 13.00
CA SER B 77 -14.64 -14.93 11.87
C SER B 77 -14.16 -14.22 10.59
N VAL B 78 -13.17 -14.81 9.92
CA VAL B 78 -12.62 -14.22 8.72
C VAL B 78 -13.63 -14.28 7.60
N GLU B 79 -13.54 -13.31 6.70
CA GLU B 79 -14.39 -13.31 5.52
C GLU B 79 -13.54 -12.91 4.33
N SER B 80 -14.09 -13.08 3.12
CA SER B 80 -13.36 -12.74 1.92
C SER B 80 -12.62 -11.40 1.87
N GLU B 81 -13.23 -10.33 2.36
CA GLU B 81 -12.59 -9.02 2.28
C GLU B 81 -11.31 -9.00 3.14
N ASP B 82 -11.11 -10.01 3.97
CA ASP B 82 -9.89 -10.03 4.79
C ASP B 82 -8.69 -10.56 4.01
N ILE B 83 -8.93 -11.13 2.82
CA ILE B 83 -7.83 -11.60 2.00
C ILE B 83 -6.89 -10.43 1.66
N ALA B 84 -5.61 -10.52 2.07
CA ALA B 84 -4.68 -9.40 1.90
C ALA B 84 -3.36 -9.83 2.59
N ASN B 85 -2.35 -8.99 2.50
CA ASN B 85 -1.06 -9.19 3.16
C ASN B 85 -1.16 -8.34 4.43
N TYR B 86 -0.54 -8.78 5.53
CA TYR B 86 -0.63 -8.02 6.78
C TYR B 86 0.78 -7.82 7.28
N TYR B 87 1.11 -6.59 7.69
CA TYR B 87 2.42 -6.25 8.11
C TYR B 87 2.43 -5.65 9.50
N CYS B 88 3.45 -5.98 10.29
CA CYS B 88 3.57 -5.28 11.60
C CYS B 88 4.68 -4.25 11.44
N GLN B 89 4.76 -3.25 12.32
CA GLN B 89 5.75 -2.18 12.20
C GLN B 89 6.05 -1.69 13.64
N GLN B 90 7.33 -1.50 14.00
CA GLN B 90 7.60 -1.04 15.35
C GLN B 90 8.05 0.41 15.37
N SER B 91 7.75 1.11 16.50
CA SER B 91 8.17 2.50 16.64
C SER B 91 8.88 2.69 17.97
N ASN B 92 9.39 1.59 18.56
CA ASN B 92 10.08 1.74 19.86
C ASN B 92 11.47 2.37 19.80
N ARG B 93 12.24 1.97 18.78
CA ARG B 93 13.57 2.50 18.59
C ARG B 93 13.78 2.92 17.13
N TRP B 94 14.66 3.88 16.92
CA TRP B 94 14.96 4.36 15.59
C TRP B 94 15.98 3.41 14.98
N PRO B 95 15.81 3.03 13.69
CA PRO B 95 14.74 3.52 12.81
C PRO B 95 13.55 2.57 12.96
N PHE B 96 12.35 3.08 12.54
CA PHE B 96 11.18 2.27 12.51
C PHE B 96 11.49 1.14 11.49
N THR B 97 10.91 0.00 11.75
CA THR B 97 11.08 -1.14 10.86
C THR B 97 9.77 -1.90 10.66
N PHE B 98 9.73 -2.70 9.58
CA PHE B 98 8.54 -3.49 9.24
C PHE B 98 8.81 -4.97 9.27
N GLY B 99 7.79 -5.77 9.58
CA GLY B 99 7.91 -7.23 9.49
C GLY B 99 7.81 -7.61 7.99
N SER B 100 8.10 -8.87 7.63
CA SER B 100 8.11 -9.25 6.21
C SER B 100 6.75 -9.56 5.61
N GLY B 101 5.72 -9.60 6.46
CA GLY B 101 4.37 -9.78 5.97
C GLY B 101 3.82 -11.19 5.99
N THR B 102 2.55 -11.33 6.32
CA THR B 102 1.83 -12.61 6.26
C THR B 102 0.61 -12.46 5.30
N LYS B 103 0.48 -13.42 4.37
CA LYS B 103 -0.67 -13.41 3.44
C LYS B 103 -1.77 -14.29 4.02
N LEU B 104 -3.02 -13.81 4.06
CA LEU B 104 -4.16 -14.60 4.52
C LEU B 104 -4.84 -15.21 3.27
N GLU B 105 -5.02 -16.52 3.29
CA GLU B 105 -5.67 -17.28 2.21
C GLU B 105 -6.92 -17.92 2.83
N ILE B 106 -8.04 -17.96 2.09
CA ILE B 106 -9.24 -18.55 2.62
C ILE B 106 -9.57 -19.82 1.82
N LYS B 107 -9.83 -20.92 2.51
CA LYS B 107 -10.17 -22.19 1.86
C LYS B 107 -11.68 -22.34 1.74
N ARG B 108 -12.24 -21.99 0.58
CA ARG B 108 -13.69 -22.04 0.33
C ARG B 108 -14.10 -23.29 -0.41
N ALA B 109 -15.40 -23.42 -0.66
CA ALA B 109 -15.91 -24.58 -1.40
C ALA B 109 -15.44 -24.54 -2.87
N ASP B 110 -15.15 -25.72 -3.42
CA ASP B 110 -14.71 -25.83 -4.81
C ASP B 110 -15.74 -25.19 -5.71
N ALA B 111 -15.27 -24.55 -6.76
CA ALA B 111 -16.15 -23.91 -7.74
C ALA B 111 -15.59 -24.09 -9.13
N ALA B 112 -16.41 -24.54 -10.07
CA ALA B 112 -15.93 -24.71 -11.43
C ALA B 112 -15.76 -23.34 -12.09
N PRO B 113 -14.84 -23.22 -13.03
CA PRO B 113 -14.62 -21.95 -13.72
C PRO B 113 -15.76 -21.60 -14.68
N THR B 114 -16.03 -20.31 -14.83
CA THR B 114 -17.01 -19.84 -15.82
C THR B 114 -16.12 -19.45 -16.98
N VAL B 115 -16.26 -20.14 -18.13
CA VAL B 115 -15.35 -19.91 -19.24
C VAL B 115 -16.05 -19.12 -20.32
N SER B 116 -15.35 -18.12 -20.85
CA SER B 116 -15.86 -17.24 -21.88
C SER B 116 -14.77 -17.03 -22.90
N ILE B 117 -15.12 -17.19 -24.17
CA ILE B 117 -14.14 -16.95 -25.20
C ILE B 117 -14.59 -15.75 -26.01
N PHE B 118 -13.64 -14.96 -26.48
CA PHE B 118 -13.96 -13.74 -27.22
C PHE B 118 -13.15 -13.62 -28.49
N PRO B 119 -13.84 -13.44 -29.63
CA PRO B 119 -13.11 -13.29 -30.89
C PRO B 119 -12.48 -11.93 -30.89
N PRO B 120 -11.49 -11.71 -31.77
CA PRO B 120 -10.86 -10.39 -31.82
C PRO B 120 -11.84 -9.34 -32.29
N SER B 121 -11.62 -8.10 -31.86
CA SER B 121 -12.50 -7.00 -32.25
C SER B 121 -12.14 -6.51 -33.66
N SER B 122 -13.08 -5.79 -34.26
CA SER B 122 -12.87 -5.24 -35.57
C SER B 122 -11.83 -4.13 -35.45
N GLU B 123 -11.88 -3.38 -34.35
CA GLU B 123 -10.89 -2.33 -34.18
C GLU B 123 -9.48 -2.91 -34.18
N GLN B 124 -9.29 -4.06 -33.54
CA GLN B 124 -7.96 -4.63 -33.52
C GLN B 124 -7.54 -5.16 -34.91
N LEU B 125 -8.44 -5.90 -35.54
CA LEU B 125 -8.14 -6.47 -36.87
C LEU B 125 -7.68 -5.35 -37.80
N THR B 126 -8.37 -4.21 -37.72
CA THR B 126 -8.06 -3.04 -38.51
C THR B 126 -6.58 -2.65 -38.41
N SER B 127 -5.92 -3.02 -37.32
CA SER B 127 -4.52 -2.68 -37.13
C SER B 127 -3.60 -3.84 -37.47
N GLY B 128 -4.15 -4.89 -38.09
CA GLY B 128 -3.34 -6.01 -38.49
C GLY B 128 -3.00 -7.03 -37.43
N GLY B 129 -3.69 -6.93 -36.30
CA GLY B 129 -3.47 -7.84 -35.21
C GLY B 129 -4.73 -8.57 -34.81
N ALA B 130 -4.57 -9.74 -34.21
CA ALA B 130 -5.72 -10.51 -33.79
C ALA B 130 -5.51 -11.26 -32.47
N SER B 131 -6.20 -10.84 -31.42
CA SER B 131 -6.08 -11.53 -30.14
C SER B 131 -7.39 -12.23 -29.76
N VAL B 132 -7.30 -13.51 -29.44
CA VAL B 132 -8.48 -14.25 -29.01
C VAL B 132 -8.31 -14.41 -27.51
N VAL B 133 -9.32 -13.96 -26.76
CA VAL B 133 -9.24 -13.94 -25.31
C VAL B 133 -10.21 -14.89 -24.64
N CYS B 134 -9.70 -15.64 -23.67
CA CYS B 134 -10.50 -16.57 -22.94
C CYS B 134 -10.35 -16.26 -21.43
N PHE B 135 -11.47 -16.14 -20.74
CA PHE B 135 -11.51 -15.91 -19.30
C PHE B 135 -11.98 -17.21 -18.65
N LEU B 136 -11.26 -17.66 -17.61
CA LEU B 136 -11.63 -18.81 -16.82
C LEU B 136 -11.89 -18.10 -15.46
N ASN B 137 -13.14 -17.82 -15.15
CA ASN B 137 -13.44 -17.04 -13.96
C ASN B 137 -14.08 -17.67 -12.76
N ASN B 138 -13.70 -17.13 -11.59
CA ASN B 138 -14.23 -17.49 -10.32
C ASN B 138 -14.27 -18.97 -9.98
N PHE B 139 -13.10 -19.62 -9.99
CA PHE B 139 -12.97 -21.01 -9.68
C PHE B 139 -12.12 -21.23 -8.42
N TYR B 140 -12.21 -22.44 -7.89
CA TYR B 140 -11.44 -22.80 -6.66
C TYR B 140 -11.42 -24.34 -6.60
N PRO B 141 -10.25 -24.93 -6.30
CA PRO B 141 -8.92 -24.33 -6.02
C PRO B 141 -8.27 -23.62 -7.17
N LYS B 142 -7.14 -22.97 -6.92
CA LYS B 142 -6.51 -22.20 -7.96
C LYS B 142 -5.78 -22.98 -9.04
N ASP B 143 -5.59 -24.28 -8.84
CA ASP B 143 -4.90 -25.09 -9.82
C ASP B 143 -5.84 -25.23 -11.02
N ILE B 144 -5.33 -24.96 -12.21
CA ILE B 144 -6.14 -25.07 -13.42
C ILE B 144 -5.24 -25.08 -14.66
N ASN B 145 -5.73 -25.64 -15.76
CA ASN B 145 -4.96 -25.71 -17.00
C ASN B 145 -5.87 -25.31 -18.14
N VAL B 146 -5.31 -24.61 -19.12
CA VAL B 146 -6.08 -24.17 -20.28
C VAL B 146 -5.36 -24.72 -21.49
N LYS B 147 -6.11 -25.08 -22.52
CA LYS B 147 -5.52 -25.64 -23.73
C LYS B 147 -6.22 -24.97 -24.89
N TRP B 148 -5.47 -24.55 -25.88
CA TRP B 148 -6.08 -23.94 -27.08
C TRP B 148 -6.02 -24.95 -28.22
N LYS B 149 -7.03 -24.91 -29.10
CA LYS B 149 -7.05 -25.76 -30.31
C LYS B 149 -7.52 -24.85 -31.44
N ILE B 150 -6.86 -24.93 -32.60
CA ILE B 150 -7.27 -24.16 -33.77
C ILE B 150 -7.58 -25.28 -34.80
N ASP B 151 -8.77 -25.21 -35.39
CA ASP B 151 -9.24 -26.22 -36.34
C ASP B 151 -9.06 -27.64 -35.80
N GLY B 152 -9.37 -27.80 -34.50
CA GLY B 152 -9.28 -29.10 -33.88
C GLY B 152 -7.91 -29.55 -33.40
N SER B 153 -6.87 -28.80 -33.75
CA SER B 153 -5.51 -29.17 -33.34
C SER B 153 -4.92 -28.29 -32.23
N GLU B 154 -4.36 -28.92 -31.20
CA GLU B 154 -3.77 -28.14 -30.11
C GLU B 154 -2.82 -27.04 -30.62
N ARG B 155 -2.90 -25.85 -30.02
CA ARG B 155 -2.04 -24.72 -30.40
C ARG B 155 -1.32 -24.22 -29.13
N GLN B 156 -0.03 -23.92 -29.24
CA GLN B 156 0.76 -23.45 -28.08
C GLN B 156 1.47 -22.14 -28.33
N ASN B 157 1.85 -21.90 -29.57
CA ASN B 157 2.55 -20.66 -29.87
C ASN B 157 1.63 -19.45 -29.82
N GLY B 158 2.14 -18.37 -29.24
CA GLY B 158 1.37 -17.13 -29.15
C GLY B 158 0.38 -17.06 -28.00
N VAL B 159 0.44 -18.00 -27.07
CA VAL B 159 -0.47 -18.03 -25.91
C VAL B 159 0.19 -17.47 -24.63
N LEU B 160 -0.40 -16.43 -24.05
CA LEU B 160 0.10 -15.82 -22.78
C LEU B 160 -1.01 -15.89 -21.76
N ASN B 161 -0.65 -16.37 -20.56
CA ASN B 161 -1.60 -16.53 -19.48
C ASN B 161 -1.32 -15.57 -18.32
N SER B 162 -2.36 -15.28 -17.56
CA SER B 162 -2.26 -14.39 -16.39
C SER B 162 -3.27 -14.86 -15.35
N TRP B 163 -2.83 -14.88 -14.10
CA TRP B 163 -3.73 -15.36 -13.05
C TRP B 163 -3.86 -14.26 -12.01
N THR B 164 -5.05 -14.10 -11.44
CA THR B 164 -5.25 -13.12 -10.39
C THR B 164 -4.89 -13.77 -9.04
N ASP B 165 -4.67 -12.94 -8.02
CA ASP B 165 -4.47 -13.43 -6.66
C ASP B 165 -5.86 -13.81 -6.16
N GLN B 166 -5.93 -14.44 -4.98
CA GLN B 166 -7.23 -14.81 -4.48
C GLN B 166 -8.12 -13.56 -4.39
N ASP B 167 -9.38 -13.72 -4.80
CA ASP B 167 -10.31 -12.61 -4.84
C ASP B 167 -10.92 -12.21 -3.49
N SER B 168 -10.80 -10.93 -3.15
CA SER B 168 -11.33 -10.48 -1.86
C SER B 168 -12.83 -10.33 -1.87
N LYS B 169 -13.46 -10.71 -2.98
CA LYS B 169 -14.91 -10.65 -3.06
C LYS B 169 -15.57 -12.01 -2.74
N ASP B 170 -14.98 -13.11 -3.22
CA ASP B 170 -15.60 -14.40 -2.98
C ASP B 170 -14.62 -15.56 -2.75
N SER B 171 -13.35 -15.22 -2.50
CA SER B 171 -12.29 -16.19 -2.23
C SER B 171 -11.95 -17.13 -3.40
N THR B 172 -12.35 -16.75 -4.62
CA THR B 172 -12.04 -17.61 -5.77
C THR B 172 -10.83 -17.06 -6.49
N TYR B 173 -10.46 -17.71 -7.58
CA TYR B 173 -9.36 -17.28 -8.43
C TYR B 173 -9.89 -17.13 -9.86
N SER B 174 -9.15 -16.42 -10.71
CA SER B 174 -9.56 -16.28 -12.13
C SER B 174 -8.28 -16.29 -12.93
N MET B 175 -8.40 -16.60 -14.21
CA MET B 175 -7.26 -16.65 -15.08
C MET B 175 -7.67 -16.19 -16.48
N SER B 176 -6.77 -15.53 -17.19
CA SER B 176 -7.07 -15.11 -18.58
C SER B 176 -6.01 -15.86 -19.46
N SER B 177 -6.38 -16.22 -20.67
CA SER B 177 -5.44 -16.92 -21.57
C SER B 177 -5.71 -16.21 -22.88
N THR B 178 -4.67 -15.62 -23.42
CA THR B 178 -4.75 -14.82 -24.63
C THR B 178 -3.87 -15.39 -25.76
N LEU B 179 -4.53 -15.76 -26.85
CA LEU B 179 -3.86 -16.29 -28.05
C LEU B 179 -3.74 -15.15 -29.05
N THR B 180 -2.52 -14.71 -29.35
CA THR B 180 -2.34 -13.59 -30.28
C THR B 180 -1.71 -14.06 -31.59
N LEU B 181 -2.31 -13.65 -32.70
CA LEU B 181 -1.84 -14.02 -34.04
C LEU B 181 -1.93 -12.79 -34.92
N THR B 182 -1.28 -12.84 -36.09
CA THR B 182 -1.36 -11.70 -37.02
C THR B 182 -2.73 -11.80 -37.68
N LYS B 183 -3.21 -10.73 -38.29
CA LYS B 183 -4.53 -10.78 -38.96
C LYS B 183 -4.50 -11.93 -39.99
N ASP B 184 -3.45 -11.99 -40.79
CA ASP B 184 -3.27 -13.03 -41.81
C ASP B 184 -3.37 -14.44 -41.24
N GLU B 185 -2.62 -14.68 -40.16
CA GLU B 185 -2.61 -15.99 -39.54
C GLU B 185 -4.02 -16.32 -39.05
N TYR B 186 -4.68 -15.32 -38.48
CA TYR B 186 -6.03 -15.49 -37.96
C TYR B 186 -7.04 -15.79 -39.08
N GLU B 187 -6.84 -15.11 -40.22
CA GLU B 187 -7.72 -15.23 -41.38
C GLU B 187 -7.67 -16.59 -42.07
N ARG B 188 -6.59 -17.35 -41.87
CA ARG B 188 -6.54 -18.64 -42.54
C ARG B 188 -6.92 -19.82 -41.67
N HIS B 189 -7.72 -19.55 -40.63
CA HIS B 189 -8.21 -20.60 -39.74
C HIS B 189 -9.68 -20.40 -39.44
N ASN B 190 -10.37 -21.51 -39.14
CA ASN B 190 -11.80 -21.44 -38.89
C ASN B 190 -12.21 -21.36 -37.42
N SER B 191 -12.15 -22.48 -36.71
CA SER B 191 -12.57 -22.50 -35.34
C SER B 191 -11.45 -22.39 -34.30
N TYR B 192 -11.71 -21.58 -33.27
CA TYR B 192 -10.75 -21.36 -32.20
C TYR B 192 -11.43 -21.85 -30.93
N THR B 193 -10.73 -22.66 -30.14
CA THR B 193 -11.33 -23.20 -28.94
C THR B 193 -10.42 -23.12 -27.70
N CYS B 194 -11.02 -22.79 -26.55
CA CYS B 194 -10.36 -22.65 -25.28
C CYS B 194 -10.95 -23.80 -24.42
N GLU B 195 -10.08 -24.64 -23.85
CA GLU B 195 -10.56 -25.75 -23.01
C GLU B 195 -9.96 -25.62 -21.62
N ALA B 196 -10.80 -25.70 -20.59
CA ALA B 196 -10.31 -25.58 -19.23
C ALA B 196 -10.47 -26.90 -18.47
N THR B 197 -9.39 -27.35 -17.85
CA THR B 197 -9.44 -28.58 -17.06
C THR B 197 -9.27 -28.18 -15.60
N HIS B 198 -10.22 -28.56 -14.77
CA HIS B 198 -10.17 -28.19 -13.38
C HIS B 198 -10.67 -29.38 -12.57
N LYS B 199 -10.22 -29.43 -11.32
CA LYS B 199 -10.57 -30.47 -10.35
C LYS B 199 -12.07 -30.73 -10.22
N THR B 200 -12.90 -29.71 -10.48
CA THR B 200 -14.36 -29.83 -10.35
C THR B 200 -15.05 -30.70 -11.42
N SER B 201 -14.28 -31.20 -12.38
CA SER B 201 -14.88 -32.02 -13.42
C SER B 201 -13.86 -32.84 -14.15
N THR B 202 -14.26 -34.07 -14.48
CA THR B 202 -13.36 -34.98 -15.18
C THR B 202 -13.24 -34.54 -16.65
N SER B 203 -14.27 -33.90 -17.17
CA SER B 203 -14.26 -33.45 -18.55
C SER B 203 -13.96 -31.95 -18.61
N PRO B 204 -13.17 -31.52 -19.59
CA PRO B 204 -12.82 -30.10 -19.74
C PRO B 204 -14.04 -29.24 -20.14
N ILE B 205 -14.04 -27.97 -19.72
CA ILE B 205 -15.10 -27.04 -20.10
C ILE B 205 -14.55 -26.43 -21.37
N VAL B 206 -15.31 -26.51 -22.48
CA VAL B 206 -14.85 -25.97 -23.75
C VAL B 206 -15.79 -24.92 -24.36
N LYS B 207 -15.19 -23.85 -24.88
CA LYS B 207 -15.90 -22.76 -25.52
C LYS B 207 -15.14 -22.53 -26.80
N SER B 208 -15.89 -22.32 -27.88
CA SER B 208 -15.29 -22.08 -29.19
C SER B 208 -16.14 -21.09 -29.96
N PHE B 209 -15.57 -20.60 -31.06
CA PHE B 209 -16.31 -19.77 -32.03
C PHE B 209 -15.62 -19.98 -33.41
N ASN B 210 -16.36 -19.69 -34.50
CA ASN B 210 -15.84 -19.81 -35.88
C ASN B 210 -15.63 -18.42 -36.42
N ARG B 211 -14.54 -18.18 -37.13
CA ARG B 211 -14.25 -16.85 -37.66
C ARG B 211 -15.35 -16.30 -38.57
N ASN B 212 -16.10 -17.19 -39.21
CA ASN B 212 -17.17 -16.76 -40.12
C ASN B 212 -18.49 -16.50 -39.36
N LEU C 24 8.35 41.12 44.09
CA LEU C 24 9.43 40.60 43.22
C LEU C 24 9.45 39.07 43.15
N HIS C 25 9.68 38.44 44.30
CA HIS C 25 9.79 36.99 44.35
C HIS C 25 8.67 36.16 43.68
N TRP C 26 7.41 36.51 43.92
CA TRP C 26 6.32 35.75 43.33
C TRP C 26 6.27 35.84 41.81
N ARG C 27 6.62 37.01 41.30
CA ARG C 27 6.64 37.21 39.87
C ARG C 27 7.78 36.46 39.22
N ALA C 28 8.88 36.33 39.96
CA ALA C 28 10.02 35.63 39.42
C ALA C 28 9.63 34.16 39.39
N ALA C 29 8.91 33.73 40.42
CA ALA C 29 8.48 32.35 40.55
C ALA C 29 7.41 32.03 39.52
N GLY C 30 6.42 32.91 39.40
CA GLY C 30 5.37 32.67 38.44
C GLY C 30 5.93 32.59 37.04
N ALA C 31 6.80 33.54 36.70
CA ALA C 31 7.44 33.55 35.41
C ALA C 31 8.24 32.24 35.18
N ALA C 32 8.97 31.79 36.21
CA ALA C 32 9.76 30.58 36.06
C ALA C 32 8.84 29.38 35.75
N THR C 33 7.68 29.33 36.40
CA THR C 33 6.73 28.28 36.15
C THR C 33 6.24 28.31 34.69
N VAL C 34 5.94 29.52 34.20
CA VAL C 34 5.50 29.64 32.82
C VAL C 34 6.64 29.26 31.88
N LEU C 35 7.83 29.67 32.24
CA LEU C 35 8.95 29.40 31.42
C LEU C 35 9.24 27.87 31.42
N LEU C 36 9.04 27.25 32.57
CA LEU C 36 9.27 25.79 32.68
C LEU C 36 8.30 25.00 31.74
N VAL C 37 7.04 25.43 31.73
CA VAL C 37 6.06 24.77 30.86
C VAL C 37 6.50 24.90 29.41
N ILE C 38 7.03 26.06 29.05
CA ILE C 38 7.46 26.26 27.68
C ILE C 38 8.67 25.37 27.37
N VAL C 39 9.59 25.30 28.33
CA VAL C 39 10.78 24.44 28.13
C VAL C 39 10.36 22.96 28.04
N LEU C 40 9.41 22.48 28.85
CA LEU C 40 9.00 21.06 28.70
C LEU C 40 8.41 20.79 27.29
N LEU C 41 7.56 21.70 26.84
CA LEU C 41 7.02 21.46 25.47
C LEU C 41 8.11 21.59 24.38
N ALA C 42 8.92 22.66 24.41
CA ALA C 42 9.94 22.81 23.39
C ALA C 42 10.99 21.72 23.52
N GLY C 43 11.33 21.40 24.79
CA GLY C 43 12.31 20.35 25.03
C GLY C 43 11.79 19.01 24.44
N SER C 44 10.51 18.72 24.64
CA SER C 44 9.94 17.49 24.06
C SER C 44 10.10 17.43 22.54
N TYR C 45 9.80 18.56 21.87
CA TYR C 45 9.91 18.66 20.42
C TYR C 45 11.34 18.54 19.94
N LEU C 46 12.23 19.23 20.64
CA LEU C 46 13.65 19.27 20.23
C LEU C 46 14.35 17.96 20.53
N ALA C 47 13.92 17.26 21.59
CA ALA C 47 14.56 15.99 21.91
C ALA C 47 14.25 14.97 20.78
N VAL C 48 13.00 14.95 20.30
CA VAL C 48 12.63 13.99 19.22
C VAL C 48 13.44 14.34 17.96
N LEU C 49 13.52 15.63 17.68
CA LEU C 49 14.30 16.15 16.50
C LEU C 49 15.75 15.75 16.58
N ALA C 50 16.29 15.85 17.77
CA ALA C 50 17.70 15.45 17.96
C ALA C 50 17.97 13.94 17.93
N GLU C 51 17.04 13.16 18.46
CA GLU C 51 17.28 11.76 18.61
C GLU C 51 16.90 10.90 17.41
N ARG C 52 15.88 11.29 16.62
CA ARG C 52 15.61 10.47 15.43
C ARG C 52 16.84 10.53 14.52
N GLY C 53 17.19 9.42 13.90
CA GLY C 53 18.38 9.36 13.07
C GLY C 53 19.53 8.71 13.87
N ALA C 54 19.36 8.51 15.17
CA ALA C 54 20.43 7.82 15.95
C ALA C 54 19.94 6.41 16.23
N PRO C 55 20.52 5.39 15.57
CA PRO C 55 20.13 4.00 15.78
C PRO C 55 20.06 3.57 17.22
N GLY C 56 18.93 2.98 17.59
CA GLY C 56 18.74 2.55 18.94
C GLY C 56 18.10 3.63 19.85
N ALA C 57 18.01 4.88 19.41
CA ALA C 57 17.38 5.93 20.25
C ALA C 57 15.90 5.60 20.52
N GLN C 58 15.48 5.88 21.75
CA GLN C 58 14.07 5.62 22.16
C GLN C 58 13.25 6.91 22.43
N LEU C 59 13.91 8.07 22.53
CA LEU C 59 13.23 9.33 22.85
C LEU C 59 12.88 9.93 21.50
N ILE C 60 11.94 9.25 20.84
CA ILE C 60 11.63 9.55 19.45
C ILE C 60 10.20 9.79 19.08
N THR C 61 9.28 9.74 20.05
CA THR C 61 7.85 10.10 19.73
C THR C 61 7.46 11.16 20.78
N TYR C 62 6.57 12.09 20.41
CA TYR C 62 6.29 13.24 21.30
C TYR C 62 5.59 13.01 22.62
N PRO C 63 4.64 12.08 22.67
CA PRO C 63 3.96 11.91 23.95
C PRO C 63 4.94 11.43 25.03
N ARG C 64 5.69 10.39 24.67
CA ARG C 64 6.65 9.92 25.72
C ARG C 64 7.81 10.91 25.93
N ALA C 65 8.18 11.70 24.91
CA ALA C 65 9.17 12.70 25.13
C ALA C 65 8.69 13.76 26.13
N LEU C 66 7.38 14.10 26.09
CA LEU C 66 6.89 15.08 27.09
C LEU C 66 7.00 14.46 28.51
N TRP C 67 6.65 13.18 28.61
CA TRP C 67 6.77 12.47 29.87
C TRP C 67 8.25 12.48 30.34
N TRP C 68 9.17 12.17 29.42
CA TRP C 68 10.62 12.17 29.75
C TRP C 68 11.02 13.60 30.22
N ALA C 69 10.52 14.65 29.56
CA ALA C 69 10.92 16.00 29.99
C ALA C 69 10.42 16.27 31.40
N CYS C 70 9.22 15.82 31.73
CA CYS C 70 8.71 16.05 33.09
C CYS C 70 9.56 15.29 34.13
N GLU C 71 9.81 13.97 33.91
CA GLU C 71 10.65 13.25 34.93
C GLU C 71 12.09 13.70 34.95
N THR C 72 12.55 14.45 33.96
CA THR C 72 13.90 15.00 33.93
C THR C 72 13.90 16.34 34.72
N ALA C 73 12.91 17.18 34.43
CA ALA C 73 12.87 18.49 35.10
C ALA C 73 12.68 18.39 36.61
N THR C 74 12.02 17.32 37.08
CA THR C 74 11.77 17.15 38.50
C THR C 74 13.00 16.44 39.13
N THR C 75 13.95 16.05 38.25
CA THR C 75 15.17 15.31 38.67
C THR C 75 14.88 13.91 39.16
N VAL C 76 13.73 13.37 38.88
CA VAL C 76 13.34 12.01 39.35
C VAL C 76 14.24 10.99 38.58
N DAL C 77 14.15 11.07 37.25
CA DAL C 77 14.99 10.33 36.30
CB DAL C 77 14.97 10.75 34.89
C DAL C 77 15.01 8.78 36.47
O DAL C 77 16.03 8.05 36.87
N TYR C 78 13.85 8.25 36.16
CA TYR C 78 13.63 6.79 36.21
C TYR C 78 14.60 5.99 35.37
N GLY C 79 14.93 6.50 34.17
CA GLY C 79 15.83 5.71 33.31
C GLY C 79 15.06 4.95 32.27
N ASP C 80 13.72 5.10 32.24
CA ASP C 80 12.93 4.42 31.14
C ASP C 80 13.26 4.98 29.77
N LEU C 81 13.63 6.26 29.72
CA LEU C 81 13.94 6.98 28.48
C LEU C 81 15.06 7.97 28.68
N TYR C 82 15.99 8.14 27.71
CA TYR C 82 16.97 9.18 27.89
C TYR C 82 17.60 9.42 26.54
N PRO C 83 18.25 10.55 26.36
CA PRO C 83 18.91 10.86 25.07
C PRO C 83 20.24 10.20 24.89
N VAL C 84 20.58 9.82 23.64
CA VAL C 84 21.87 9.20 23.39
C VAL C 84 22.67 10.13 22.49
N THR C 85 22.08 11.16 21.92
CA THR C 85 22.88 12.06 21.06
C THR C 85 23.38 13.30 21.79
N LEU C 86 24.39 13.97 21.22
CA LEU C 86 24.93 15.21 21.76
C LEU C 86 23.83 16.28 21.90
N TRP C 87 23.05 16.53 20.83
CA TRP C 87 22.02 17.58 20.94
C TRP C 87 20.87 17.17 21.88
N GLY C 88 20.55 15.89 21.88
CA GLY C 88 19.51 15.44 22.80
C GLY C 88 19.94 15.69 24.24
N ARG C 89 21.21 15.37 24.53
CA ARG C 89 21.76 15.58 25.87
C ARG C 89 21.84 17.06 26.22
N LEU C 90 22.19 17.94 25.27
CA LEU C 90 22.19 19.39 25.57
C LEU C 90 20.77 19.82 25.89
N VAL C 91 19.77 19.34 25.10
CA VAL C 91 18.39 19.67 25.41
C VAL C 91 18.06 19.21 26.81
N ALA C 92 18.46 17.96 27.16
CA ALA C 92 18.17 17.42 28.48
C ALA C 92 18.74 18.35 29.60
N VAL C 93 19.98 18.84 29.44
CA VAL C 93 20.60 19.68 30.48
C VAL C 93 19.78 21.00 30.59
N VAL C 94 19.29 21.56 29.48
CA VAL C 94 18.50 22.78 29.61
C VAL C 94 17.22 22.46 30.41
N VAL C 95 16.57 21.31 30.10
CA VAL C 95 15.34 20.93 30.83
C VAL C 95 15.68 20.82 32.31
N MET C 96 16.73 20.07 32.61
CA MET C 96 17.14 19.95 34.00
C MET C 96 17.31 21.29 34.73
N VAL C 97 18.17 22.13 34.16
CA VAL C 97 18.45 23.42 34.80
C VAL C 97 17.15 24.26 34.91
N ALA C 98 16.26 24.18 33.92
CA ALA C 98 15.00 24.95 33.97
C ALA C 98 14.15 24.43 35.12
N GLY C 99 14.07 23.12 35.24
CA GLY C 99 13.31 22.57 36.37
C GLY C 99 13.92 22.96 37.73
N ILE C 100 15.19 22.71 37.88
CA ILE C 100 15.84 23.00 39.12
C ILE C 100 15.73 24.48 39.51
N THR C 101 16.03 25.33 38.53
CA THR C 101 15.91 26.79 38.77
C THR C 101 14.50 27.19 39.23
N SER C 102 13.45 26.67 38.60
CA SER C 102 12.09 27.00 38.98
C SER C 102 11.83 26.62 40.38
N PHE C 103 12.36 25.48 40.77
CA PHE C 103 12.13 25.10 42.16
C PHE C 103 12.94 25.92 43.16
N GLY C 104 14.15 26.32 42.80
CA GLY C 104 14.94 27.15 43.71
C GLY C 104 14.17 28.48 43.87
N LEU C 105 13.57 28.94 42.75
CA LEU C 105 12.83 30.19 42.83
C LEU C 105 11.57 30.09 43.66
N VAL C 106 10.82 28.99 43.55
CA VAL C 106 9.64 28.84 44.36
C VAL C 106 10.05 28.75 45.81
N THR C 107 11.10 27.97 46.08
CA THR C 107 11.56 27.85 47.45
C THR C 107 12.00 29.19 48.05
N ALA C 108 12.75 29.96 47.28
CA ALA C 108 13.24 31.23 47.74
C ALA C 108 12.04 32.16 47.96
N ALA C 109 10.99 31.99 47.14
CA ALA C 109 9.77 32.82 47.23
C ALA C 109 9.01 32.47 48.50
N LEU C 110 8.94 31.17 48.84
CA LEU C 110 8.23 30.75 50.05
C LEU C 110 9.02 31.28 51.24
N ALA C 111 10.34 31.25 51.16
CA ALA C 111 11.13 31.70 52.31
C ALA C 111 10.87 33.21 52.53
N THR C 112 10.80 33.96 51.45
CA THR C 112 10.60 35.38 51.52
C THR C 112 9.24 35.69 52.15
N TRP C 113 8.22 34.95 51.72
CA TRP C 113 6.88 35.11 52.22
C TRP C 113 6.88 34.84 53.74
N PHE C 114 7.36 33.66 54.12
CA PHE C 114 7.42 33.29 55.53
C PHE C 114 8.20 34.24 56.41
N VAL C 115 9.36 34.66 55.92
CA VAL C 115 10.20 35.58 56.66
C VAL C 115 9.40 36.87 57.00
N GLY C 116 8.63 37.38 56.05
CA GLY C 116 7.82 38.56 56.30
C GLY C 116 6.67 38.33 57.27
N ARG C 117 5.94 37.25 57.07
CA ARG C 117 4.83 37.01 57.95
C ARG C 117 5.29 36.71 59.37
N GLU C 118 6.51 36.19 59.49
CA GLU C 118 7.06 35.94 60.80
C GLU C 118 7.57 37.28 61.42
N GLN C 119 8.24 38.18 60.68
CA GLN C 119 8.65 39.49 61.27
C GLN C 119 7.41 39.97 62.02
N GLU C 120 6.33 39.97 61.25
CA GLU C 120 5.02 40.43 61.66
C GLU C 120 4.38 39.75 62.87
N ARG C 121 4.37 38.42 62.88
CA ARG C 121 3.75 37.64 63.96
C ARG C 121 4.30 37.90 65.37
K K D . 17.05 11.18 40.76
K K E . 17.22 8.44 39.14
K K F . 17.41 5.52 37.42
K K G . 16.85 14.16 42.52
K K H . 16.48 19.99 45.97
K K I . 17.65 1.78 35.21
K K J . 17.83 -0.98 33.58
O11 1EM K . 26.69 11.96 23.14
C11 1EM K . 27.66 12.72 23.28
C12 1EM K . 28.03 13.24 24.63
C13 1EM K . 27.16 14.41 25.02
C14 1EM K . 27.77 15.18 26.17
C15 1EM K . 26.94 16.41 26.47
C16 1EM K . 27.57 17.22 27.58
C17 1EM K . 26.77 18.46 27.86
C18 1EM K . 27.44 19.31 28.92
C19 1EM K . 26.68 20.59 29.16
O21 1EM K . 32.21 14.14 19.44
C21 1EM K . 31.25 14.14 20.24
C22 1EM K . 30.74 15.46 20.85
C23 1EM K . 31.75 16.08 21.79
C24 1EM K . 31.12 16.40 23.15
C25 1EM K . 31.86 16.90 24.27
C26 1EM K . 33.38 17.15 24.24
C27 1EM K . 34.20 15.95 24.75
C28 1EM K . 34.18 15.81 26.28
C29 1EM K . 35.26 16.67 26.93
C30 1EM K . 35.33 16.42 28.43
C31 1EM K . 36.65 16.90 29.03
C32 1EM K . 37.81 15.99 28.62
C33 1EM K . 39.16 16.58 29.01
C34 1EM K . 40.30 15.74 28.47
C41 1EM K . 28.27 12.39 21.02
O41 1EM K . 28.42 13.20 22.14
C42 1EM K . 29.31 12.70 19.97
O42 1EM K . 30.62 12.90 20.60
C43 1EM K . 29.37 11.55 18.95
O43 1EM K . 28.06 11.19 18.44
#